data_4CUP
#
_entry.id   4CUP
#
_cell.length_a   80.370
_cell.length_b   96.120
_cell.length_c   57.670
_cell.angle_alpha   90.00
_cell.angle_beta   90.00
_cell.angle_gamma   90.00
#
_symmetry.space_group_name_H-M   'C 2 2 21'
#
loop_
_entity.id
_entity.type
_entity.pdbx_description
1 polymer 'BROMODOMAIN ADJACENT TO ZINC FINGER DOMAIN PROTEIN 2B'
2 non-polymer 4-Fluorobenzamidoxime
3 non-polymer METHANOL
4 water water
#
_entity_poly.entity_id   1
_entity_poly.type   'polypeptide(L)'
_entity_poly.pdbx_seq_one_letter_code
;SMSVKKPKRDDSKDLALCSMILTEMETHEDAWPFLLPVNLKLVPGYKKVIKKPMDFSTIREKLSSGQYPNLETFALDVRL
VFDNCETFNEDDSDIGRAGHNMRKYFEKKWTDTFKVS
;
_entity_poly.pdbx_strand_id   A
#
loop_
_chem_comp.id
_chem_comp.type
_chem_comp.name
_chem_comp.formula
MOH non-polymer METHANOL 'C H4 O'
ZYB non-polymer 4-Fluorobenzamidoxime 'C7 H7 F N2 O'
#
# COMPACT_ATOMS: atom_id res chain seq x y z
N SER A 1 -15.32 -22.23 13.98
CA SER A 1 -16.15 -21.70 15.06
C SER A 1 -15.56 -22.06 16.41
N MET A 2 -16.36 -21.95 17.47
CA MET A 2 -15.87 -22.25 18.81
C MET A 2 -15.32 -23.67 18.90
N SER A 3 -14.03 -23.77 19.28
CA SER A 3 -13.29 -25.03 19.37
C SER A 3 -13.15 -25.76 18.04
N VAL A 4 -13.33 -25.04 16.93
CA VAL A 4 -13.13 -25.62 15.60
C VAL A 4 -12.23 -24.72 14.78
N LYS A 5 -10.94 -25.03 14.75
CA LYS A 5 -9.97 -24.15 14.09
C LYS A 5 -9.26 -24.81 12.92
N LYS A 6 -8.98 -24.03 11.87
CA LYS A 6 -8.11 -24.48 10.79
C LYS A 6 -6.70 -24.62 11.35
N PRO A 7 -5.89 -25.48 10.72
CA PRO A 7 -4.47 -25.56 11.08
C PRO A 7 -3.83 -24.17 11.10
N LYS A 8 -3.02 -23.92 12.13
CA LYS A 8 -2.47 -22.60 12.36
C LYS A 8 -1.38 -22.27 11.35
N ARG A 9 -1.60 -21.22 10.56
CA ARG A 9 -0.59 -20.71 9.66
C ARG A 9 0.47 -19.94 10.46
N ASP A 10 1.74 -20.19 10.15
CA ASP A 10 2.84 -19.51 10.84
C ASP A 10 2.96 -18.08 10.35
N ASP A 11 2.56 -17.12 11.18
CA ASP A 11 2.54 -15.72 10.78
C ASP A 11 3.71 -14.92 11.37
N SER A 12 4.66 -15.63 11.96
CA SER A 12 5.72 -14.97 12.73
C SER A 12 6.64 -14.11 11.87
N LYS A 13 6.69 -14.41 10.57
CA LYS A 13 7.54 -13.65 9.65
C LYS A 13 6.79 -12.59 8.83
N ASP A 14 5.48 -12.48 9.02
CA ASP A 14 4.68 -11.58 8.18
C ASP A 14 5.15 -10.13 8.28
N LEU A 15 5.44 -9.68 9.49
CA LEU A 15 5.85 -8.30 9.70
C LEU A 15 7.13 -8.00 8.91
N ALA A 16 8.13 -8.87 9.05
CA ALA A 16 9.39 -8.71 8.31
C ALA A 16 9.18 -8.76 6.79
N LEU A 17 8.32 -9.67 6.35
CA LEU A 17 8.06 -9.83 4.92
C LEU A 17 7.32 -8.62 4.32
N CYS A 18 6.36 -8.09 5.07
CA CYS A 18 5.65 -6.88 4.62
C CYS A 18 6.60 -5.69 4.53
N SER A 19 7.50 -5.59 5.51
CA SER A 19 8.53 -4.55 5.52
C SER A 19 9.43 -4.67 4.29
N MET A 20 9.81 -5.91 3.98
CA MET A 20 10.62 -6.19 2.80
C MET A 20 9.91 -5.71 1.53
N ILE A 21 8.65 -6.13 1.39
CA ILE A 21 7.87 -5.74 0.21
C ILE A 21 7.72 -4.23 0.13
N LEU A 22 7.46 -3.60 1.28
CA LEU A 22 7.30 -2.15 1.31
C LEU A 22 8.59 -1.46 0.88
N THR A 23 9.73 -1.98 1.34
CA THR A 23 11.04 -1.47 0.92
C THR A 23 11.22 -1.53 -0.62
N GLU A 24 10.76 -2.62 -1.22
CA GLU A 24 10.86 -2.78 -2.68
C GLU A 24 9.97 -1.76 -3.40
N MET A 25 8.79 -1.51 -2.84
N MET A 25 8.80 -1.48 -2.85
CA MET A 25 7.88 -0.50 -3.35
CA MET A 25 7.93 -0.48 -3.47
C MET A 25 8.52 0.87 -3.26
C MET A 25 8.49 0.93 -3.26
N GLU A 26 9.06 1.17 -2.09
CA GLU A 26 9.71 2.45 -1.82
C GLU A 26 10.86 2.75 -2.76
N THR A 27 11.59 1.71 -3.18
CA THR A 27 12.79 1.92 -3.98
C THR A 27 12.52 1.81 -5.49
N HIS A 28 11.31 1.40 -5.86
CA HIS A 28 10.90 1.38 -7.28
C HIS A 28 11.01 2.78 -7.88
N GLU A 29 11.50 2.88 -9.11
CA GLU A 29 11.75 4.20 -9.68
C GLU A 29 10.45 4.99 -9.91
N ASP A 30 9.32 4.30 -9.94
CA ASP A 30 8.03 4.99 -10.11
C ASP A 30 7.31 5.20 -8.77
N ALA A 31 8.03 5.10 -7.67
CA ALA A 31 7.42 5.26 -6.35
C ALA A 31 7.17 6.72 -5.99
N TRP A 32 7.82 7.63 -6.71
CA TRP A 32 7.86 9.03 -6.30
C TRP A 32 6.48 9.69 -6.09
N PRO A 33 5.43 9.29 -6.84
CA PRO A 33 4.17 9.98 -6.52
C PRO A 33 3.56 9.55 -5.19
N PHE A 34 4.11 8.50 -4.57
CA PHE A 34 3.46 7.81 -3.47
C PHE A 34 4.26 7.80 -2.19
N LEU A 35 5.45 8.42 -2.22
CA LEU A 35 6.38 8.27 -1.11
C LEU A 35 5.93 9.03 0.13
N LEU A 36 5.32 10.19 -0.10
CA LEU A 36 4.93 11.09 0.98
C LEU A 36 3.47 11.46 0.86
N PRO A 37 2.84 11.89 1.97
CA PRO A 37 1.44 12.28 1.88
C PRO A 37 1.25 13.50 0.98
N VAL A 38 0.14 13.54 0.24
CA VAL A 38 -0.22 14.73 -0.53
C VAL A 38 -0.43 15.90 0.40
N ASN A 39 0.13 17.06 0.05
CA ASN A 39 -0.07 18.28 0.83
C ASN A 39 -1.45 18.85 0.54
N LEU A 40 -2.35 18.71 1.50
CA LEU A 40 -3.76 19.03 1.30
C LEU A 40 -4.02 20.54 1.22
N LYS A 41 -3.02 21.33 1.60
CA LYS A 41 -3.14 22.77 1.52
C LYS A 41 -2.64 23.30 0.18
N LEU A 42 -1.94 22.47 -0.59
CA LEU A 42 -1.36 22.94 -1.85
C LEU A 42 -1.98 22.29 -3.07
N VAL A 43 -2.69 21.20 -2.89
CA VAL A 43 -3.29 20.49 -4.02
C VAL A 43 -4.81 20.64 -4.02
N PRO A 44 -5.34 21.48 -4.93
CA PRO A 44 -6.78 21.69 -5.02
C PRO A 44 -7.55 20.38 -5.23
N GLY A 45 -8.71 20.27 -4.59
CA GLY A 45 -9.56 19.10 -4.75
C GLY A 45 -9.23 17.89 -3.88
N TYR A 46 -7.97 17.68 -3.56
CA TYR A 46 -7.56 16.39 -2.99
C TYR A 46 -8.24 16.07 -1.65
N LYS A 47 -8.30 17.05 -0.75
CA LYS A 47 -8.86 16.78 0.57
C LYS A 47 -10.36 16.46 0.52
N LYS A 48 -11.10 17.17 -0.32
CA LYS A 48 -12.53 16.93 -0.46
C LYS A 48 -12.84 15.64 -1.22
N VAL A 49 -12.01 15.34 -2.21
CA VAL A 49 -12.26 14.20 -3.09
C VAL A 49 -11.77 12.88 -2.47
N ILE A 50 -10.55 12.88 -1.94
CA ILE A 50 -9.95 11.63 -1.46
C ILE A 50 -10.22 11.46 0.03
N LYS A 51 -11.19 10.61 0.35
CA LYS A 51 -11.69 10.51 1.72
C LYS A 51 -10.68 9.86 2.67
N LYS A 52 -9.84 8.99 2.13
CA LYS A 52 -8.83 8.31 2.94
C LYS A 52 -7.47 8.36 2.25
N PRO A 53 -6.74 9.48 2.42
CA PRO A 53 -5.40 9.60 1.87
C PRO A 53 -4.46 8.53 2.44
N MET A 54 -3.57 8.00 1.61
CA MET A 54 -2.58 7.04 2.07
C MET A 54 -1.35 7.14 1.19
N ASP A 55 -0.19 6.89 1.77
CA ASP A 55 1.08 6.96 1.07
C ASP A 55 2.05 5.98 1.73
N PHE A 56 3.18 5.71 1.07
CA PHE A 56 4.14 4.72 1.55
C PHE A 56 4.72 5.07 2.92
N SER A 57 5.02 6.34 3.16
CA SER A 57 5.66 6.73 4.41
C SER A 57 4.69 6.53 5.58
N THR A 58 3.40 6.72 5.32
CA THR A 58 2.39 6.51 6.35
C THR A 58 2.25 5.01 6.60
N ILE A 59 2.25 4.22 5.53
CA ILE A 59 2.19 2.77 5.66
C ILE A 59 3.38 2.28 6.48
N ARG A 60 4.54 2.86 6.20
CA ARG A 60 5.76 2.46 6.89
C ARG A 60 5.67 2.81 8.38
N GLU A 61 5.11 3.98 8.70
CA GLU A 61 5.01 4.39 10.10
C GLU A 61 4.02 3.49 10.84
N LYS A 62 2.92 3.14 10.18
CA LYS A 62 1.94 2.22 10.76
C LYS A 62 2.53 0.83 10.98
N LEU A 63 3.23 0.32 9.97
CA LEU A 63 3.85 -0.99 10.04
C LEU A 63 4.85 -1.04 11.20
N SER A 64 5.67 0.02 11.31
CA SER A 64 6.74 0.08 12.31
C SER A 64 6.22 0.28 13.73
N SER A 65 4.94 0.60 13.87
CA SER A 65 4.39 0.92 15.20
C SER A 65 3.23 -0.01 15.56
N GLY A 66 3.19 -1.16 14.90
CA GLY A 66 2.21 -2.19 15.20
C GLY A 66 0.76 -1.78 14.95
N GLN A 67 0.53 -0.99 13.91
CA GLN A 67 -0.84 -0.55 13.65
C GLN A 67 -1.54 -1.39 12.56
N TYR A 68 -0.84 -2.41 12.03
CA TYR A 68 -1.50 -3.41 11.19
C TYR A 68 -1.69 -4.69 12.00
N PRO A 69 -2.95 -5.07 12.22
CA PRO A 69 -3.22 -6.27 13.01
C PRO A 69 -2.98 -7.57 12.24
N ASN A 70 -2.87 -7.48 10.91
CA ASN A 70 -2.63 -8.67 10.08
C ASN A 70 -2.22 -8.30 8.66
N LEU A 71 -1.86 -9.31 7.86
CA LEU A 71 -1.51 -9.14 6.45
C LEU A 71 -2.53 -8.35 5.64
N GLU A 72 -3.79 -8.77 5.77
CA GLU A 72 -4.89 -8.21 5.02
C GLU A 72 -5.00 -6.70 5.17
N THR A 73 -4.82 -6.20 6.39
CA THR A 73 -4.97 -4.76 6.61
C THR A 73 -3.81 -3.97 6.02
N PHE A 74 -2.63 -4.57 5.98
CA PHE A 74 -1.48 -3.96 5.29
C PHE A 74 -1.74 -3.83 3.77
N ALA A 75 -2.20 -4.91 3.17
CA ALA A 75 -2.51 -4.92 1.75
C ALA A 75 -3.61 -3.91 1.41
N LEU A 76 -4.58 -3.76 2.30
CA LEU A 76 -5.66 -2.79 2.10
C LEU A 76 -5.14 -1.37 1.96
N ASP A 77 -4.19 -0.99 2.82
CA ASP A 77 -3.62 0.35 2.75
C ASP A 77 -2.78 0.53 1.48
N VAL A 78 -2.02 -0.50 1.12
CA VAL A 78 -1.22 -0.41 -0.10
C VAL A 78 -2.14 -0.20 -1.32
N ARG A 79 -3.23 -0.95 -1.37
CA ARG A 79 -4.11 -0.87 -2.53
C ARG A 79 -4.86 0.46 -2.52
N LEU A 80 -5.13 0.96 -1.33
CA LEU A 80 -5.75 2.27 -1.15
C LEU A 80 -4.90 3.36 -1.81
N VAL A 81 -3.58 3.25 -1.70
CA VAL A 81 -2.70 4.19 -2.37
C VAL A 81 -3.00 4.24 -3.88
N PHE A 82 -3.17 3.08 -4.48
CA PHE A 82 -3.36 3.06 -5.94
C PHE A 82 -4.79 3.33 -6.37
N ASP A 83 -5.75 2.96 -5.52
CA ASP A 83 -7.14 3.34 -5.74
C ASP A 83 -7.33 4.85 -5.69
N ASN A 84 -6.67 5.51 -4.73
CA ASN A 84 -6.69 6.97 -4.66
C ASN A 84 -6.08 7.55 -5.93
N CYS A 85 -4.99 6.95 -6.37
CA CYS A 85 -4.28 7.46 -7.54
C CYS A 85 -5.18 7.41 -8.77
N GLU A 86 -5.93 6.32 -8.92
CA GLU A 86 -6.86 6.19 -10.04
C GLU A 86 -8.00 7.21 -9.94
N THR A 87 -8.44 7.47 -8.72
CA THR A 87 -9.53 8.45 -8.50
C THR A 87 -9.12 9.86 -8.95
N PHE A 88 -7.85 10.21 -8.72
CA PHE A 88 -7.40 11.57 -8.92
C PHE A 88 -6.56 11.79 -10.18
N ASN A 89 -6.26 10.72 -10.91
CA ASN A 89 -5.39 10.85 -12.08
C ASN A 89 -5.91 10.11 -13.31
N GLU A 90 -5.82 10.77 -14.47
CA GLU A 90 -6.11 10.12 -15.74
C GLU A 90 -5.13 8.95 -15.93
N ASP A 91 -5.63 7.84 -16.46
CA ASP A 91 -4.78 6.71 -16.82
C ASP A 91 -3.66 7.17 -17.75
N ASP A 92 -4.00 8.04 -18.70
CA ASP A 92 -3.04 8.59 -19.64
C ASP A 92 -2.35 9.82 -19.06
N SER A 93 -1.55 9.58 -18.03
CA SER A 93 -0.70 10.60 -17.42
C SER A 93 0.47 9.89 -16.77
N ASP A 94 1.54 10.62 -16.45
CA ASP A 94 2.70 9.99 -15.79
C ASP A 94 2.35 9.34 -14.45
N ILE A 95 1.57 10.05 -13.64
CA ILE A 95 1.22 9.56 -12.31
C ILE A 95 0.20 8.43 -12.43
N GLY A 96 -0.72 8.58 -13.37
CA GLY A 96 -1.68 7.51 -13.67
C GLY A 96 -0.99 6.21 -14.04
N ARG A 97 -0.03 6.29 -14.95
CA ARG A 97 0.74 5.11 -15.35
C ARG A 97 1.56 4.56 -14.18
N ALA A 98 2.17 5.47 -13.41
CA ALA A 98 2.94 5.06 -12.22
C ALA A 98 2.10 4.18 -11.30
N GLY A 99 0.87 4.62 -11.05
CA GLY A 99 -0.03 3.90 -10.15
C GLY A 99 -0.32 2.50 -10.66
N HIS A 100 -0.66 2.40 -11.93
CA HIS A 100 -0.92 1.10 -12.53
C HIS A 100 0.32 0.21 -12.44
N ASN A 101 1.49 0.76 -12.76
CA ASN A 101 2.75 0.00 -12.69
C ASN A 101 3.02 -0.50 -11.28
N MET A 102 2.85 0.39 -10.30
CA MET A 102 3.17 0.06 -8.91
C MET A 102 2.18 -0.94 -8.34
N ARG A 103 0.92 -0.85 -8.77
CA ARG A 103 -0.07 -1.81 -8.32
C ARG A 103 0.28 -3.23 -8.80
N LYS A 104 0.61 -3.33 -10.08
CA LYS A 104 1.01 -4.61 -10.66
C LYS A 104 2.25 -5.13 -9.94
N TYR A 105 3.19 -4.23 -9.70
CA TYR A 105 4.43 -4.57 -9.01
C TYR A 105 4.12 -5.15 -7.63
N PHE A 106 3.25 -4.47 -6.89
CA PHE A 106 2.86 -4.94 -5.55
C PHE A 106 2.19 -6.30 -5.57
N GLU A 107 1.17 -6.45 -6.42
CA GLU A 107 0.36 -7.65 -6.41
C GLU A 107 1.17 -8.90 -6.73
N LYS A 108 2.19 -8.76 -7.58
CA LYS A 108 3.05 -9.92 -7.87
C LYS A 108 3.93 -10.26 -6.67
N LYS A 109 4.54 -9.24 -6.06
CA LYS A 109 5.34 -9.44 -4.85
C LYS A 109 4.47 -10.08 -3.78
N TRP A 110 3.23 -9.62 -3.69
CA TRP A 110 2.30 -10.13 -2.68
C TRP A 110 2.04 -11.61 -2.93
N THR A 111 1.71 -11.96 -4.16
CA THR A 111 1.46 -13.36 -4.50
C THR A 111 2.69 -14.22 -4.32
N ASP A 112 3.85 -13.74 -4.80
CA ASP A 112 5.08 -14.52 -4.71
C ASP A 112 5.54 -14.73 -3.26
N THR A 113 5.13 -13.83 -2.38
CA THR A 113 5.59 -13.90 -1.00
C THR A 113 4.68 -14.78 -0.15
N PHE A 114 3.38 -14.73 -0.39
CA PHE A 114 2.45 -15.45 0.48
C PHE A 114 1.65 -16.53 -0.23
N LYS A 115 1.28 -16.29 -1.48
CA LYS A 115 0.52 -17.28 -2.25
C LYS A 115 1.44 -18.34 -2.87
F ZYB B . -1.48 15.37 -5.71
C2 ZYB B . -1.29 15.54 -6.99
C1 ZYB B . -1.81 14.63 -7.88
C3 ZYB B . -0.58 16.61 -7.45
C4 ZYB B . -0.40 16.79 -8.80
C5 ZYB B . -0.90 15.90 -9.69
C ZYB B . -1.61 14.82 -9.24
C6 ZYB B . -0.71 16.07 -11.19
N ZYB B . -1.66 15.68 -12.14
N1 ZYB B . 0.31 16.60 -11.71
O ZYB B . 1.31 17.03 -10.95
H1 ZYB B . -2.31 13.87 -7.56
H3 ZYB B . -0.21 17.26 -6.82
H ZYB B . -1.98 14.18 -9.86
H4 ZYB B . 0.10 17.56 -9.09
HN1 ZYB B . -1.49 15.81 -13.03
HN2 ZYB B . -2.44 15.28 -11.88
HB ZYB B . 1.05 17.75 -10.50
C MOH C . -0.64 11.62 -6.65
O MOH C . -2.02 11.56 -6.92
C MOH D . 8.33 -3.08 12.78
O MOH D . 8.32 -3.19 11.36
C MOH E . 10.85 -6.51 11.68
O MOH E . 10.97 -6.07 10.34
#